data_8JTB
#
_entry.id   8JTB
#
_cell.length_a   1.00
_cell.length_b   1.00
_cell.length_c   1.00
_cell.angle_alpha   90.00
_cell.angle_beta   90.00
_cell.angle_gamma   90.00
#
_symmetry.space_group_name_H-M   'P 1'
#
loop_
_entity.id
_entity.type
_entity.pdbx_description
1 polymer 'Synaptic vesicular amine transporter'
2 non-polymer L-DOPAMINE
#
_entity_poly.entity_id   1
_entity_poly.type   'polypeptide(L)'
_entity_poly.pdbx_seq_one_letter_code
;SRKLILFIVFLALLLDNMLLTVVVPIIPSYLYSIKHEKNATEIQTARPVHTASISDSFQSIFSYYDNSTMVTGNATRDLT
LHQTATQHMVTNASAVPSDCPSEDKDLLNENVQVGLLFASKATVQLITNPFIGLLTNRIGYPIPIFAGFCIMFVSTIMFA
FSSSYAFLLIARSLQGIGSSCSSVAGMGMLASVYTDDEERGNVMGIALGGLAMGVLVGPPFGSVLYEFVGKTAPFLVLAA
LVLLDGAIQLFVLQPSRVQPESQKGTPLTTLLKDPYILIAAGSICFANMGIAMLEPALPIWMMETMCSRKWQLGVAFLPA
SISYLIGTNIFGILAHKMGRWLCALLGMIIVGVSILCIPFAKNIYGLIAPNFGVGFAIGMVDSSMMPIMGYLVDLRHVSV
YGSVYAIADVAFCMGYAIGPSAGGAIAKAIGFPWLMTIIGIIDILFAPLCFFLRSPP
;
_entity_poly.pdbx_strand_id   A
#
# COMPACT_ATOMS: atom_id res chain seq x y z
N SER A 1 -23.42 14.90 -1.19
CA SER A 1 -22.11 15.29 -0.65
C SER A 1 -21.45 14.05 -0.06
N ARG A 2 -20.95 13.20 -0.95
CA ARG A 2 -20.17 12.03 -0.58
C ARG A 2 -18.68 12.28 -0.64
N LYS A 3 -18.26 13.52 -0.92
CA LYS A 3 -16.84 13.84 -0.89
C LYS A 3 -16.25 13.75 0.51
N LEU A 4 -17.09 13.83 1.54
CA LEU A 4 -16.60 13.72 2.91
C LEU A 4 -16.08 12.31 3.19
N ILE A 5 -16.73 11.30 2.64
CA ILE A 5 -16.24 9.92 2.79
C ILE A 5 -14.91 9.76 2.07
N LEU A 6 -14.77 10.33 0.87
CA LEU A 6 -13.49 10.30 0.18
C LEU A 6 -12.43 11.03 1.00
N PHE A 7 -12.80 12.14 1.62
CA PHE A 7 -11.86 12.87 2.47
C PHE A 7 -11.47 12.05 3.69
N ILE A 8 -12.39 11.24 4.21
CA ILE A 8 -12.09 10.41 5.38
C ILE A 8 -11.06 9.34 5.03
N VAL A 9 -11.28 8.63 3.93
CA VAL A 9 -10.37 7.55 3.55
C VAL A 9 -9.07 8.11 3.00
N PHE A 10 -9.08 9.34 2.48
CA PHE A 10 -7.82 9.99 2.10
C PHE A 10 -6.97 10.27 3.32
N LEU A 11 -7.59 10.80 4.39
CA LEU A 11 -6.83 11.15 5.59
C LEU A 11 -6.40 9.90 6.36
N ALA A 12 -7.27 8.88 6.43
CA ALA A 12 -6.91 7.65 7.13
C ALA A 12 -5.73 6.98 6.45
N LEU A 13 -5.74 6.92 5.12
CA LEU A 13 -4.60 6.37 4.39
C LEU A 13 -3.36 7.24 4.54
N LEU A 14 -3.55 8.56 4.58
CA LEU A 14 -2.42 9.47 4.70
C LEU A 14 -1.77 9.37 6.07
N LEU A 15 -2.58 9.40 7.14
CA LEU A 15 -2.02 9.38 8.49
C LEU A 15 -1.41 8.02 8.82
N ASP A 16 -2.03 6.95 8.34
CA ASP A 16 -1.50 5.61 8.60
C ASP A 16 -0.12 5.43 7.99
N ASN A 17 0.06 5.87 6.74
CA ASN A 17 1.36 5.74 6.08
C ASN A 17 2.36 6.78 6.58
N MET A 18 1.87 7.89 7.14
CA MET A 18 2.77 8.84 7.77
C MET A 18 3.41 8.24 9.01
N LEU A 19 2.62 7.51 9.81
CA LEU A 19 3.17 6.85 11.00
C LEU A 19 4.06 5.69 10.62
N LEU A 20 3.75 5.01 9.50
CA LEU A 20 4.56 3.88 9.06
C LEU A 20 5.99 4.32 8.74
N THR A 21 6.12 5.48 8.11
CA THR A 21 7.46 5.94 7.65
C THR A 21 8.16 6.82 8.69
N VAL A 22 7.43 7.46 9.60
CA VAL A 22 8.07 8.28 10.68
C VAL A 22 8.78 7.34 11.65
N VAL A 23 8.16 6.22 11.99
CA VAL A 23 8.73 5.25 12.98
C VAL A 23 10.01 4.59 12.45
N VAL A 24 10.11 4.29 11.15
CA VAL A 24 11.27 3.48 10.64
C VAL A 24 12.63 4.15 10.90
N PRO A 25 12.88 5.46 10.65
CA PRO A 25 14.16 6.08 11.01
C PRO A 25 14.43 6.15 12.52
N ILE A 26 13.41 6.42 13.33
CA ILE A 26 13.62 6.65 14.79
C ILE A 26 13.91 5.34 15.55
N ILE A 27 13.16 4.26 15.29
CA ILE A 27 13.31 3.03 16.13
C ILE A 27 14.73 2.43 16.20
N PRO A 28 15.53 2.28 15.13
CA PRO A 28 16.85 1.64 15.26
C PRO A 28 17.80 2.46 16.16
N SER A 29 17.83 3.78 15.97
CA SER A 29 18.76 4.64 16.76
C SER A 29 18.39 4.60 18.24
N TYR A 30 17.11 4.69 18.57
CA TYR A 30 16.66 4.71 19.98
C TYR A 30 16.93 3.36 20.65
N LEU A 31 16.73 2.25 19.92
CA LEU A 31 16.85 0.90 20.55
C LEU A 31 18.32 0.48 20.71
N TYR A 32 18.96 -0.03 19.66
CA TYR A 32 20.31 -0.54 19.73
C TYR A 32 21.12 0.17 20.81
N VAL A 114 15.13 -7.57 14.73
CA VAL A 114 14.78 -6.33 14.05
C VAL A 114 13.96 -6.63 12.80
N GLY A 115 14.29 -7.72 12.12
CA GLY A 115 13.50 -8.13 10.98
C GLY A 115 12.09 -8.53 11.34
N LEU A 116 11.93 -9.14 12.51
CA LEU A 116 10.59 -9.52 12.98
C LEU A 116 9.72 -8.30 13.23
N LEU A 117 10.31 -7.24 13.81
CA LEU A 117 9.53 -6.04 14.12
C LEU A 117 9.01 -5.36 12.86
N PHE A 118 9.84 -5.29 11.83
CA PHE A 118 9.40 -4.66 10.58
C PHE A 118 8.30 -5.46 9.91
N ALA A 119 8.41 -6.79 9.94
CA ALA A 119 7.44 -7.65 9.28
C ALA A 119 6.21 -7.93 10.12
N SER A 120 6.21 -7.54 11.39
CA SER A 120 5.07 -7.82 12.25
C SER A 120 3.82 -7.06 11.80
N LYS A 121 3.99 -5.81 11.35
CA LYS A 121 2.85 -5.05 10.89
C LYS A 121 2.19 -5.69 9.68
N ALA A 122 2.99 -6.12 8.70
CA ALA A 122 2.43 -6.69 7.48
C ALA A 122 1.93 -8.11 7.69
N THR A 123 2.57 -8.87 8.58
CA THR A 123 2.11 -10.23 8.86
C THR A 123 0.78 -10.23 9.60
N VAL A 124 0.67 -9.40 10.65
CA VAL A 124 -0.58 -9.32 11.41
C VAL A 124 -1.70 -8.76 10.55
N GLN A 125 -1.39 -7.75 9.74
CA GLN A 125 -2.40 -7.19 8.84
C GLN A 125 -2.87 -8.23 7.83
N LEU A 126 -1.97 -9.11 7.39
CA LEU A 126 -2.34 -10.15 6.45
C LEU A 126 -3.33 -11.13 7.07
N ILE A 127 -3.13 -11.48 8.34
CA ILE A 127 -3.97 -12.50 8.98
C ILE A 127 -5.38 -11.97 9.24
N THR A 128 -5.50 -10.70 9.64
CA THR A 128 -6.81 -10.15 10.00
C THR A 128 -7.60 -9.61 8.81
N ASN A 129 -7.01 -9.60 7.61
CA ASN A 129 -7.76 -9.15 6.44
C ASN A 129 -9.00 -10.00 6.15
N PRO A 130 -8.94 -11.33 6.14
CA PRO A 130 -10.17 -12.10 5.90
C PRO A 130 -11.24 -11.89 6.96
N PHE A 131 -10.86 -11.66 8.22
CA PHE A 131 -11.85 -11.50 9.27
C PHE A 131 -12.57 -10.16 9.18
N ILE A 132 -11.85 -9.10 8.81
CA ILE A 132 -12.49 -7.80 8.59
C ILE A 132 -13.41 -7.86 7.38
N GLY A 133 -13.04 -8.65 6.37
CA GLY A 133 -13.89 -8.79 5.20
C GLY A 133 -15.24 -9.41 5.53
N LEU A 134 -15.24 -10.38 6.47
CA LEU A 134 -16.48 -10.98 6.93
C LEU A 134 -17.24 -10.12 7.92
N LEU A 135 -16.54 -9.34 8.74
CA LEU A 135 -17.19 -8.54 9.77
C LEU A 135 -17.96 -7.37 9.17
N THR A 136 -17.48 -6.81 8.06
CA THR A 136 -18.19 -5.70 7.43
C THR A 136 -19.54 -6.13 6.89
N ASN A 137 -19.68 -7.40 6.51
CA ASN A 137 -20.96 -7.88 6.00
C ASN A 137 -21.98 -8.07 7.13
N ARG A 138 -21.52 -8.15 8.38
CA ARG A 138 -22.43 -8.40 9.49
C ARG A 138 -22.90 -7.10 10.14
N ILE A 139 -22.03 -6.10 10.23
CA ILE A 139 -22.34 -4.88 10.98
C ILE A 139 -22.19 -3.61 10.17
N GLY A 140 -21.64 -3.67 8.95
CA GLY A 140 -21.44 -2.49 8.15
C GLY A 140 -20.01 -1.97 8.23
N TYR A 141 -19.76 -0.91 7.46
CA TYR A 141 -18.46 -0.25 7.36
C TYR A 141 -18.15 0.77 8.46
N PRO A 142 -19.09 1.65 8.85
CA PRO A 142 -18.71 2.73 9.78
C PRO A 142 -18.12 2.28 11.10
N ILE A 143 -18.63 1.21 11.71
CA ILE A 143 -18.10 0.77 13.00
C ILE A 143 -16.67 0.25 12.84
N PRO A 144 -16.37 -0.58 11.82
CA PRO A 144 -14.95 -0.92 11.60
C PRO A 144 -14.06 0.28 11.31
N ILE A 145 -14.56 1.30 10.60
CA ILE A 145 -13.72 2.48 10.35
C ILE A 145 -13.43 3.21 11.66
N PHE A 146 -14.46 3.48 12.47
CA PHE A 146 -14.24 4.25 13.72
C PHE A 146 -13.30 3.44 14.62
N ALA A 147 -13.47 2.12 14.62
CA ALA A 147 -12.61 1.22 15.42
C ALA A 147 -11.18 1.33 14.93
N GLY A 148 -10.99 1.46 13.61
CA GLY A 148 -9.63 1.62 13.06
C GLY A 148 -9.00 2.87 13.62
N PHE A 149 -9.74 3.99 13.66
CA PHE A 149 -9.23 5.25 14.25
C PHE A 149 -8.89 5.02 15.72
N CYS A 150 -9.76 4.32 16.46
CA CYS A 150 -9.51 4.10 17.90
C CYS A 150 -8.22 3.29 18.10
N ILE A 151 -7.99 2.26 17.28
CA ILE A 151 -6.76 1.43 17.39
C ILE A 151 -5.53 2.26 16.99
N MET A 152 -5.65 3.12 15.96
CA MET A 152 -4.53 3.94 15.45
C MET A 152 -4.18 5.00 16.49
N PHE A 153 -5.20 5.60 17.12
CA PHE A 153 -4.93 6.57 18.17
C PHE A 153 -4.19 5.92 19.34
N VAL A 154 -4.64 4.74 19.76
CA VAL A 154 -3.99 4.04 20.87
C VAL A 154 -2.56 3.67 20.49
N SER A 155 -2.36 3.19 19.26
CA SER A 155 -1.02 2.82 18.81
C SER A 155 -0.10 4.02 18.77
N THR A 156 -0.60 5.17 18.32
CA THR A 156 0.23 6.37 18.27
C THR A 156 0.63 6.83 19.67
N ILE A 157 -0.30 6.85 20.63
CA ILE A 157 0.06 7.38 21.98
C ILE A 157 1.07 6.40 22.60
N MET A 158 0.84 5.10 22.40
CA MET A 158 1.74 4.06 22.97
C MET A 158 3.15 4.24 22.42
N PHE A 159 3.30 4.50 21.12
CA PHE A 159 4.65 4.60 20.53
C PHE A 159 5.36 5.76 21.20
N ALA A 160 4.67 6.90 21.33
CA ALA A 160 5.29 8.10 21.92
C ALA A 160 5.71 7.83 23.36
N PHE A 161 4.87 7.14 24.13
CA PHE A 161 5.23 7.00 25.57
C PHE A 161 6.06 5.76 25.90
N SER A 162 6.38 4.90 24.92
CA SER A 162 7.09 3.65 25.34
C SER A 162 8.62 3.72 25.42
N SER A 163 9.26 2.56 25.63
CA SER A 163 10.71 2.48 25.54
C SER A 163 11.22 1.05 25.63
N SER A 164 10.37 0.06 25.34
CA SER A 164 10.75 -1.34 25.43
C SER A 164 10.40 -2.04 24.12
N TYR A 165 11.11 -3.15 23.87
CA TYR A 165 10.93 -3.87 22.61
C TYR A 165 9.57 -4.55 22.53
N ALA A 166 9.12 -5.16 23.63
CA ALA A 166 7.83 -5.83 23.61
C ALA A 166 6.69 -4.86 23.35
N PHE A 167 6.74 -3.69 23.98
CA PHE A 167 5.71 -2.68 23.74
C PHE A 167 5.77 -2.15 22.32
N LEU A 168 6.97 -2.07 21.73
CA LEU A 168 7.08 -1.69 20.33
C LEU A 168 6.43 -2.72 19.42
N LEU A 169 6.65 -4.01 19.70
CA LEU A 169 5.99 -5.06 18.94
C LEU A 169 4.48 -4.97 19.06
N ILE A 170 4.01 -4.79 20.30
CA ILE A 170 2.55 -4.67 20.53
C ILE A 170 2.03 -3.50 19.70
N ALA A 171 2.69 -2.33 19.77
CA ALA A 171 2.17 -1.13 19.08
C ALA A 171 2.13 -1.33 17.56
N ARG A 172 3.20 -1.86 16.97
CA ARG A 172 3.25 -2.10 15.51
C ARG A 172 2.20 -3.13 15.11
N SER A 173 2.02 -4.18 15.91
CA SER A 173 0.98 -5.21 15.63
C SER A 173 -0.42 -4.59 15.68
N LEU A 174 -0.68 -3.70 16.64
CA LEU A 174 -2.00 -3.00 16.73
C LEU A 174 -2.18 -2.10 15.51
N GLN A 175 -1.11 -1.45 15.06
CA GLN A 175 -1.21 -0.62 13.84
C GLN A 175 -1.60 -1.55 12.69
N GLY A 176 -0.98 -2.72 12.62
CA GLY A 176 -1.29 -3.70 11.57
C GLY A 176 -2.78 -4.03 11.56
N ILE A 177 -3.38 -4.11 12.75
CA ILE A 177 -4.81 -4.39 12.83
C ILE A 177 -5.63 -3.17 12.40
N GLY A 178 -5.26 -1.99 12.90
CA GLY A 178 -5.98 -0.78 12.53
C GLY A 178 -5.85 -0.45 11.06
N SER A 179 -4.67 -0.66 10.49
CA SER A 179 -4.48 -0.44 9.06
C SER A 179 -5.30 -1.41 8.23
N SER A 180 -5.42 -2.66 8.65
CA SER A 180 -6.28 -3.59 7.95
C SER A 180 -7.73 -3.11 7.98
N CYS A 181 -8.21 -2.71 9.15
CA CYS A 181 -9.57 -2.19 9.26
C CYS A 181 -9.77 -1.00 8.32
N SER A 182 -8.87 -0.02 8.40
CA SER A 182 -9.00 1.18 7.57
C SER A 182 -9.00 0.83 6.09
N SER A 183 -8.00 0.07 5.64
CA SER A 183 -7.88 -0.23 4.22
C SER A 183 -9.11 -0.97 3.70
N VAL A 184 -9.47 -2.08 4.34
CA VAL A 184 -10.55 -2.92 3.82
C VAL A 184 -11.88 -2.16 3.88
N ALA A 185 -12.21 -1.59 5.05
CA ALA A 185 -13.50 -0.94 5.20
C ALA A 185 -13.61 0.30 4.33
N GLY A 186 -12.55 1.10 4.25
CA GLY A 186 -12.59 2.29 3.42
C GLY A 186 -12.70 1.97 1.93
N MET A 187 -11.95 0.96 1.47
CA MET A 187 -12.05 0.59 0.06
C MET A 187 -13.44 0.04 -0.27
N GLY A 188 -13.99 -0.78 0.63
CA GLY A 188 -15.34 -1.27 0.41
C GLY A 188 -16.38 -0.17 0.42
N MET A 189 -16.25 0.78 1.34
CA MET A 189 -17.20 1.90 1.40
C MET A 189 -17.08 2.79 0.17
N LEU A 190 -15.85 3.02 -0.31
CA LEU A 190 -15.67 3.78 -1.54
C LEU A 190 -16.31 3.06 -2.72
N ALA A 191 -16.12 1.75 -2.81
CA ALA A 191 -16.72 0.99 -3.89
C ALA A 191 -18.23 0.91 -3.78
N SER A 192 -18.78 1.03 -2.58
CA SER A 192 -20.23 0.99 -2.41
C SER A 192 -20.89 2.35 -2.54
N VAL A 193 -20.16 3.44 -2.35
CA VAL A 193 -20.72 4.78 -2.49
C VAL A 193 -20.61 5.27 -3.93
N TYR A 194 -19.47 5.05 -4.57
CA TYR A 194 -19.26 5.43 -5.98
C TYR A 194 -19.44 4.17 -6.83
N THR A 195 -20.70 3.88 -7.15
CA THR A 195 -21.06 2.66 -7.87
C THR A 195 -20.67 2.71 -9.35
N ASP A 196 -20.61 3.89 -9.95
CA ASP A 196 -20.26 3.99 -11.37
C ASP A 196 -18.85 3.48 -11.61
N ASP A 197 -18.65 2.84 -12.76
CA ASP A 197 -17.37 2.22 -13.06
C ASP A 197 -16.26 3.25 -13.26
N GLU A 198 -16.55 4.33 -14.00
CA GLU A 198 -15.55 5.36 -14.25
C GLU A 198 -15.25 6.17 -13.01
N GLU A 199 -16.28 6.61 -12.29
CA GLU A 199 -16.09 7.38 -11.07
C GLU A 199 -15.39 6.58 -9.99
N ARG A 200 -15.62 5.26 -9.95
CA ARG A 200 -14.93 4.42 -8.98
C ARG A 200 -13.42 4.53 -9.15
N GLY A 201 -12.94 4.31 -10.38
CA GLY A 201 -11.52 4.45 -10.63
C GLY A 201 -11.01 5.86 -10.43
N ASN A 202 -11.80 6.85 -10.81
CA ASN A 202 -11.38 8.24 -10.65
C ASN A 202 -11.18 8.61 -9.18
N VAL A 203 -12.02 8.08 -8.30
CA VAL A 203 -11.86 8.40 -6.88
C VAL A 203 -10.86 7.48 -6.20
N MET A 204 -10.69 6.24 -6.69
CA MET A 204 -9.66 5.38 -6.13
C MET A 204 -8.26 5.89 -6.48
N GLY A 205 -8.12 6.59 -7.61
CA GLY A 205 -6.85 7.25 -7.87
C GLY A 205 -6.51 8.28 -6.81
N ILE A 206 -7.49 9.13 -6.48
CA ILE A 206 -7.27 10.15 -5.45
C ILE A 206 -6.99 9.49 -4.10
N ALA A 207 -7.74 8.44 -3.77
CA ALA A 207 -7.54 7.77 -2.48
C ALA A 207 -6.16 7.12 -2.40
N LEU A 208 -5.72 6.46 -3.47
CA LEU A 208 -4.38 5.88 -3.50
C LEU A 208 -3.31 6.96 -3.49
N GLY A 209 -3.64 8.16 -3.94
CA GLY A 209 -2.71 9.28 -3.80
C GLY A 209 -2.40 9.63 -2.36
N GLY A 210 -3.30 9.30 -1.43
CA GLY A 210 -3.02 9.55 -0.03
C GLY A 210 -1.85 8.73 0.50
N LEU A 211 -1.78 7.47 0.09
CA LEU A 211 -0.64 6.63 0.46
C LEU A 211 0.67 7.23 -0.05
N ALA A 212 0.69 7.64 -1.33
CA ALA A 212 1.90 8.21 -1.91
C ALA A 212 2.30 9.49 -1.21
N MET A 213 1.33 10.36 -0.90
CA MET A 213 1.63 11.58 -0.18
C MET A 213 2.17 11.29 1.21
N GLY A 214 1.61 10.28 1.89
CA GLY A 214 2.11 9.93 3.21
C GLY A 214 3.55 9.45 3.18
N VAL A 215 3.87 8.56 2.24
CA VAL A 215 5.26 8.11 2.13
C VAL A 215 6.17 9.24 1.69
N LEU A 216 5.65 10.20 0.94
CA LEU A 216 6.45 11.33 0.50
C LEU A 216 6.80 12.25 1.67
N VAL A 217 5.84 12.55 2.54
CA VAL A 217 6.04 13.57 3.56
C VAL A 217 6.34 13.01 4.95
N GLY A 218 6.41 11.69 5.11
CA GLY A 218 6.72 11.11 6.39
C GLY A 218 8.10 11.41 6.93
N PRO A 219 9.14 10.98 6.22
CA PRO A 219 10.51 11.11 6.73
C PRO A 219 10.91 12.54 7.04
N PRO A 220 10.61 13.53 6.18
CA PRO A 220 11.00 14.91 6.54
C PRO A 220 10.29 15.42 7.78
N PHE A 221 8.99 15.15 7.90
CA PHE A 221 8.22 15.53 9.08
C PHE A 221 8.84 14.93 10.35
N GLY A 222 9.04 13.61 10.33
CA GLY A 222 9.67 12.97 11.46
C GLY A 222 11.03 13.56 11.78
N SER A 223 11.82 13.84 10.74
CA SER A 223 13.18 14.34 10.95
C SER A 223 13.17 15.70 11.61
N VAL A 224 12.31 16.61 11.13
CA VAL A 224 12.33 17.96 11.65
C VAL A 224 11.83 18.00 13.10
N LEU A 225 10.70 17.32 13.37
CA LEU A 225 10.21 17.36 14.76
C LEU A 225 11.12 16.58 15.70
N TYR A 226 11.82 15.56 15.20
CA TYR A 226 12.78 14.87 16.05
C TYR A 226 14.03 15.71 16.28
N GLU A 227 14.41 16.54 15.32
CA GLU A 227 15.58 17.38 15.46
C GLU A 227 15.34 18.50 16.47
N PHE A 228 14.23 19.22 16.34
CA PHE A 228 14.05 20.42 17.15
C PHE A 228 13.29 20.20 18.45
N VAL A 229 12.07 19.68 18.39
CA VAL A 229 11.22 19.65 19.58
C VAL A 229 11.62 18.51 20.50
N GLY A 230 11.64 17.30 19.98
CA GLY A 230 11.97 16.15 20.80
C GLY A 230 11.59 14.86 20.12
N LYS A 231 11.74 13.77 20.87
CA LYS A 231 11.43 12.45 20.33
C LYS A 231 9.93 12.21 20.24
N THR A 232 9.17 12.65 21.25
CA THR A 232 7.74 12.36 21.30
C THR A 232 6.90 13.37 20.54
N ALA A 233 7.49 14.45 20.04
CA ALA A 233 6.76 15.50 19.34
C ALA A 233 6.09 15.01 18.05
N PRO A 234 6.78 14.27 17.17
CA PRO A 234 6.08 13.78 15.97
C PRO A 234 4.88 12.91 16.31
N PHE A 235 5.02 12.07 17.33
CA PHE A 235 3.93 11.17 17.70
C PHE A 235 2.78 11.94 18.31
N LEU A 236 3.08 12.98 19.11
CA LEU A 236 2.00 13.78 19.69
C LEU A 236 1.26 14.60 18.63
N VAL A 237 1.99 15.14 17.66
CA VAL A 237 1.32 15.87 16.57
C VAL A 237 0.49 14.91 15.72
N LEU A 238 1.01 13.71 15.45
CA LEU A 238 0.23 12.71 14.75
C LEU A 238 -1.02 12.33 15.52
N ALA A 239 -0.90 12.23 16.85
CA ALA A 239 -2.07 11.92 17.67
C ALA A 239 -3.11 13.04 17.63
N ALA A 240 -2.66 14.29 17.62
CA ALA A 240 -3.60 15.40 17.48
C ALA A 240 -4.32 15.36 16.15
N LEU A 241 -3.59 15.08 15.06
CA LEU A 241 -4.25 14.94 13.76
C LEU A 241 -5.20 13.75 13.74
N VAL A 242 -4.85 12.66 14.44
CA VAL A 242 -5.75 11.51 14.52
C VAL A 242 -7.02 11.86 15.29
N LEU A 243 -6.88 12.67 16.34
CA LEU A 243 -8.08 13.13 17.06
C LEU A 243 -8.96 14.00 16.17
N LEU A 244 -8.35 14.89 15.38
CA LEU A 244 -9.13 15.70 14.44
C LEU A 244 -9.86 14.81 13.44
N ASP A 245 -9.15 13.82 12.89
CA ASP A 245 -9.76 12.88 11.95
C ASP A 245 -10.90 12.11 12.60
N GLY A 246 -10.72 11.68 13.85
CA GLY A 246 -11.77 10.96 14.54
C GLY A 246 -12.99 11.81 14.84
N ALA A 247 -12.78 13.09 15.15
CA ALA A 247 -13.90 13.99 15.36
C ALA A 247 -14.69 14.19 14.07
N ILE A 248 -13.99 14.37 12.94
CA ILE A 248 -14.69 14.47 11.66
C ILE A 248 -15.44 13.18 11.35
N GLN A 249 -14.84 12.03 11.68
CA GLN A 249 -15.53 10.75 11.50
C GLN A 249 -16.79 10.66 12.34
N LEU A 250 -16.72 11.09 13.61
CA LEU A 250 -17.89 11.09 14.46
C LEU A 250 -18.99 11.98 13.91
N PHE A 251 -18.63 13.14 13.37
CA PHE A 251 -19.64 14.03 12.82
C PHE A 251 -20.25 13.49 11.53
N VAL A 252 -19.44 12.89 10.66
CA VAL A 252 -19.95 12.46 9.35
C VAL A 252 -20.42 11.00 9.40
N LEU A 253 -19.56 10.07 9.81
CA LEU A 253 -19.92 8.67 9.80
C LEU A 253 -20.98 8.36 10.86
N GLN A 254 -20.77 8.85 12.09
CA GLN A 254 -21.69 8.70 13.20
C GLN A 254 -21.97 7.22 13.48
N PRO A 255 -21.01 6.46 14.01
CA PRO A 255 -21.22 5.04 14.28
C PRO A 255 -22.06 4.79 15.53
N SER A 256 -23.35 5.10 15.44
CA SER A 256 -24.22 4.99 16.60
C SER A 256 -24.84 3.60 16.73
N ARG A 257 -25.32 3.04 15.62
CA ARG A 257 -26.03 1.77 15.65
C ARG A 257 -25.37 0.79 14.69
N VAL A 258 -25.72 -0.49 14.86
CA VAL A 258 -25.19 -1.56 14.03
C VAL A 258 -26.22 -1.88 12.95
N GLN A 259 -25.81 -1.80 11.70
CA GLN A 259 -26.70 -2.05 10.56
C GLN A 259 -26.13 -3.14 9.67
N PRO A 260 -26.72 -4.36 9.60
CA PRO A 260 -26.24 -5.40 8.69
C PRO A 260 -26.45 -5.11 7.19
N GLU A 261 -25.59 -5.66 6.33
CA GLU A 261 -25.76 -5.49 4.86
C GLU A 261 -26.94 -6.35 4.39
N SER A 262 -27.61 -5.93 3.31
CA SER A 262 -28.83 -6.64 2.84
C SER A 262 -28.56 -8.06 2.34
N GLN A 263 -27.44 -8.29 1.64
CA GLN A 263 -27.23 -9.63 1.01
C GLN A 263 -25.91 -10.27 1.43
N LYS A 264 -25.83 -11.60 1.34
CA LYS A 264 -24.57 -12.33 1.66
C LYS A 264 -23.55 -12.02 0.55
N GLY A 265 -22.25 -12.12 0.83
CA GLY A 265 -21.25 -11.64 -0.13
C GLY A 265 -20.51 -12.63 -1.02
N THR A 266 -20.91 -13.90 -1.10
CA THR A 266 -20.14 -14.93 -1.86
C THR A 266 -18.88 -15.32 -1.07
N PRO A 267 -18.80 -16.48 -0.37
CA PRO A 267 -17.64 -16.78 0.50
C PRO A 267 -16.29 -16.84 -0.19
N LEU A 268 -15.23 -16.67 0.61
CA LEU A 268 -13.88 -16.53 0.09
C LEU A 268 -13.46 -17.73 -0.75
N THR A 269 -13.97 -18.93 -0.42
CA THR A 269 -13.59 -20.13 -1.16
C THR A 269 -14.04 -20.06 -2.61
N THR A 270 -15.25 -19.53 -2.86
CA THR A 270 -15.69 -19.36 -4.24
C THR A 270 -14.85 -18.33 -4.98
N LEU A 271 -14.50 -17.22 -4.32
CA LEU A 271 -13.76 -16.16 -5.00
C LEU A 271 -12.33 -16.57 -5.31
N LEU A 272 -11.70 -17.36 -4.42
CA LEU A 272 -10.31 -17.75 -4.65
C LEU A 272 -10.16 -18.80 -5.74
N LYS A 273 -11.26 -19.38 -6.22
CA LYS A 273 -11.22 -20.30 -7.34
C LYS A 273 -11.34 -19.60 -8.69
N ASP A 274 -11.55 -18.28 -8.70
CA ASP A 274 -11.69 -17.52 -9.93
C ASP A 274 -10.33 -17.25 -10.54
N PRO A 275 -10.11 -17.58 -11.82
CA PRO A 275 -8.81 -17.31 -12.43
C PRO A 275 -8.57 -15.84 -12.76
N TYR A 276 -9.61 -15.05 -13.04
CA TYR A 276 -9.41 -13.64 -13.37
C TYR A 276 -9.07 -12.82 -12.13
N ILE A 277 -9.80 -13.06 -11.03
CA ILE A 277 -9.43 -12.43 -9.76
C ILE A 277 -8.02 -12.83 -9.37
N LEU A 278 -7.67 -14.10 -9.60
CA LEU A 278 -6.33 -14.56 -9.28
C LEU A 278 -5.28 -13.87 -10.14
N ILE A 279 -5.58 -13.65 -11.43
CA ILE A 279 -4.62 -12.96 -12.30
C ILE A 279 -4.42 -11.52 -11.85
N ALA A 280 -5.51 -10.81 -11.54
CA ALA A 280 -5.38 -9.44 -11.08
C ALA A 280 -4.60 -9.36 -9.78
N ALA A 281 -4.91 -10.25 -8.82
CA ALA A 281 -4.18 -10.28 -7.56
C ALA A 281 -2.72 -10.61 -7.76
N GLY A 282 -2.42 -11.54 -8.68
CA GLY A 282 -1.04 -11.90 -8.93
C GLY A 282 -0.24 -10.79 -9.58
N SER A 283 -0.87 -10.05 -10.50
CA SER A 283 -0.20 -8.90 -11.10
C SER A 283 0.11 -7.85 -10.03
N ILE A 284 -0.87 -7.56 -9.17
CA ILE A 284 -0.62 -6.63 -8.06
C ILE A 284 0.52 -7.14 -7.18
N CYS A 285 0.48 -8.42 -6.84
CA CYS A 285 1.45 -9.00 -5.92
C CYS A 285 2.86 -8.92 -6.47
N PHE A 286 3.05 -9.30 -7.74
CA PHE A 286 4.39 -9.31 -8.31
C PHE A 286 4.90 -7.88 -8.54
N ALA A 287 4.03 -6.99 -9.03
CA ALA A 287 4.45 -5.61 -9.24
C ALA A 287 4.89 -4.95 -7.94
N ASN A 288 4.14 -5.17 -6.86
CA ASN A 288 4.51 -4.57 -5.59
C ASN A 288 5.67 -5.31 -4.91
N MET A 289 5.82 -6.61 -5.15
CA MET A 289 6.94 -7.36 -4.59
C MET A 289 8.26 -6.93 -5.21
N GLY A 290 8.24 -6.54 -6.48
CA GLY A 290 9.43 -5.98 -7.09
C GLY A 290 9.98 -4.78 -6.35
N ILE A 291 9.13 -3.78 -6.08
CA ILE A 291 9.59 -2.61 -5.33
C ILE A 291 9.84 -2.96 -3.87
N ALA A 292 9.10 -3.92 -3.32
CA ALA A 292 9.32 -4.34 -1.94
C ALA A 292 10.72 -4.92 -1.75
N MET A 293 11.23 -5.67 -2.73
CA MET A 293 12.62 -6.08 -2.67
C MET A 293 13.60 -4.99 -3.08
N LEU A 294 13.22 -4.11 -4.01
CA LEU A 294 14.15 -3.11 -4.52
C LEU A 294 14.51 -2.07 -3.46
N GLU A 295 13.51 -1.63 -2.68
CA GLU A 295 13.73 -0.48 -1.80
C GLU A 295 14.79 -0.74 -0.73
N PRO A 296 14.79 -1.85 0.02
CA PRO A 296 15.84 -2.03 1.04
C PRO A 296 17.14 -2.61 0.53
N ALA A 297 17.15 -3.25 -0.65
CA ALA A 297 18.36 -3.87 -1.18
C ALA A 297 19.20 -2.94 -2.04
N LEU A 298 18.68 -1.76 -2.39
CA LEU A 298 19.43 -0.86 -3.27
C LEU A 298 20.53 -0.12 -2.53
N PRO A 299 20.32 0.45 -1.34
CA PRO A 299 21.42 1.17 -0.68
C PRO A 299 22.63 0.31 -0.38
N ILE A 300 22.46 -0.98 -0.08
CA ILE A 300 23.61 -1.84 0.19
C ILE A 300 24.48 -1.99 -1.05
N TRP A 301 23.85 -2.17 -2.22
CA TRP A 301 24.63 -2.23 -3.45
C TRP A 301 25.25 -0.89 -3.77
N MET A 302 24.53 0.21 -3.50
CA MET A 302 25.05 1.54 -3.78
C MET A 302 26.32 1.82 -2.98
N MET A 303 26.27 1.61 -1.66
CA MET A 303 27.38 1.97 -0.80
C MET A 303 28.63 1.15 -1.06
N GLU A 304 28.50 0.04 -1.79
CA GLU A 304 29.68 -0.77 -2.12
C GLU A 304 30.16 -0.51 -3.54
N THR A 305 29.24 -0.36 -4.50
CA THR A 305 29.65 -0.15 -5.88
C THR A 305 30.15 1.28 -6.09
N MET A 306 29.42 2.28 -5.58
CA MET A 306 29.73 3.67 -5.84
C MET A 306 30.28 4.42 -4.63
N CYS A 307 30.19 3.84 -3.43
CA CYS A 307 30.61 4.51 -2.21
C CYS A 307 29.91 5.85 -2.04
N SER A 308 28.58 5.83 -2.21
CA SER A 308 27.77 7.07 -2.18
C SER A 308 27.71 7.69 -0.78
N ARG A 309 27.46 9.01 -0.71
CA ARG A 309 27.32 9.71 0.59
C ARG A 309 25.95 9.35 1.18
N LYS A 310 25.77 9.52 2.49
CA LYS A 310 24.49 9.12 3.15
C LYS A 310 23.32 9.91 2.57
N TRP A 311 23.52 11.19 2.27
CA TRP A 311 22.39 12.02 1.76
C TRP A 311 21.89 11.44 0.43
N GLN A 312 22.81 10.98 -0.42
CA GLN A 312 22.43 10.45 -1.76
C GLN A 312 21.56 9.20 -1.58
N LEU A 313 21.89 8.35 -0.61
CA LEU A 313 21.14 7.08 -0.40
C LEU A 313 19.65 7.39 -0.20
N GLY A 314 19.32 8.54 0.40
CA GLY A 314 17.94 8.90 0.63
C GLY A 314 17.29 9.59 -0.54
N VAL A 315 18.01 10.51 -1.19
CA VAL A 315 17.43 11.26 -2.29
C VAL A 315 17.41 10.50 -3.61
N ALA A 316 18.01 9.30 -3.66
CA ALA A 316 18.04 8.55 -4.90
C ALA A 316 16.70 7.89 -5.22
N PHE A 317 15.95 7.49 -4.20
CA PHE A 317 14.67 6.81 -4.39
C PHE A 317 13.50 7.78 -4.48
N LEU A 318 13.75 9.07 -4.34
CA LEU A 318 12.75 10.12 -4.39
C LEU A 318 12.01 10.17 -5.73
N PRO A 319 12.69 9.99 -6.87
CA PRO A 319 11.96 9.93 -8.14
C PRO A 319 10.89 8.87 -8.17
N ALA A 320 11.12 7.70 -7.57
CA ALA A 320 10.09 6.67 -7.53
C ALA A 320 8.87 7.13 -6.77
N SER A 321 9.06 7.80 -5.63
CA SER A 321 7.92 8.25 -4.82
C SER A 321 7.18 9.40 -5.47
N ILE A 322 7.87 10.29 -6.19
CA ILE A 322 7.18 11.36 -6.91
C ILE A 322 6.41 10.80 -8.10
N SER A 323 7.05 9.91 -8.88
CA SER A 323 6.42 9.36 -10.06
C SER A 323 5.24 8.47 -9.69
N TYR A 324 5.29 7.82 -8.53
CA TYR A 324 4.15 7.04 -8.08
C TYR A 324 2.93 7.92 -7.88
N LEU A 325 3.10 9.07 -7.21
CA LEU A 325 2.00 10.01 -7.03
C LEU A 325 1.47 10.51 -8.38
N ILE A 326 2.38 10.95 -9.25
CA ILE A 326 1.96 11.47 -10.55
C ILE A 326 1.19 10.42 -11.33
N GLY A 327 1.76 9.21 -11.44
CA GLY A 327 1.14 8.18 -12.24
C GLY A 327 -0.18 7.70 -11.68
N THR A 328 -0.27 7.54 -10.36
CA THR A 328 -1.53 7.17 -9.76
C THR A 328 -2.61 8.21 -10.08
N ASN A 329 -2.29 9.49 -9.87
CA ASN A 329 -3.30 10.53 -10.02
C ASN A 329 -3.71 10.75 -11.47
N ILE A 330 -2.83 10.52 -12.44
CA ILE A 330 -3.25 10.68 -13.83
C ILE A 330 -3.91 9.41 -14.36
N PHE A 331 -3.38 8.24 -14.03
CA PHE A 331 -3.90 7.03 -14.62
C PHE A 331 -5.18 6.55 -13.97
N GLY A 332 -5.53 7.07 -12.79
CA GLY A 332 -6.88 6.83 -12.29
C GLY A 332 -7.95 7.23 -13.29
N ILE A 333 -7.73 8.34 -13.98
CA ILE A 333 -8.64 8.75 -15.05
C ILE A 333 -8.23 8.17 -16.40
N LEU A 334 -6.93 8.00 -16.64
CA LEU A 334 -6.45 7.66 -17.97
C LEU A 334 -6.55 6.17 -18.31
N ALA A 335 -6.72 5.29 -17.31
CA ALA A 335 -6.74 3.86 -17.58
C ALA A 335 -8.05 3.39 -18.19
N HIS A 336 -9.14 4.12 -17.98
CA HIS A 336 -10.42 3.67 -18.50
C HIS A 336 -10.51 3.84 -20.01
N LYS A 337 -9.79 4.81 -20.57
CA LYS A 337 -9.83 5.04 -22.01
C LYS A 337 -8.82 4.18 -22.75
N MET A 338 -7.61 4.01 -22.19
CA MET A 338 -6.63 3.15 -22.82
C MET A 338 -6.98 1.68 -22.66
N GLY A 339 -7.86 1.36 -21.72
CA GLY A 339 -8.18 -0.02 -21.42
C GLY A 339 -7.41 -0.49 -20.21
N ARG A 340 -8.12 -0.99 -19.19
CA ARG A 340 -7.44 -1.37 -17.96
C ARG A 340 -6.44 -2.50 -18.18
N TRP A 341 -6.81 -3.49 -19.01
CA TRP A 341 -5.91 -4.60 -19.29
C TRP A 341 -4.64 -4.13 -19.98
N LEU A 342 -4.77 -3.22 -20.95
CA LEU A 342 -3.59 -2.73 -21.68
C LEU A 342 -2.71 -1.88 -20.79
N CYS A 343 -3.33 -1.06 -19.92
CA CYS A 343 -2.54 -0.27 -18.98
C CYS A 343 -1.76 -1.17 -18.02
N ALA A 344 -2.39 -2.24 -17.52
CA ALA A 344 -1.68 -3.17 -16.65
C ALA A 344 -0.56 -3.90 -17.39
N LEU A 345 -0.82 -4.31 -18.64
CA LEU A 345 0.20 -5.01 -19.42
C LEU A 345 1.41 -4.13 -19.65
N LEU A 346 1.18 -2.89 -20.10
CA LEU A 346 2.29 -1.96 -20.30
C LEU A 346 2.97 -1.63 -19.00
N GLY A 347 2.23 -1.58 -17.89
CA GLY A 347 2.88 -1.36 -16.60
C GLY A 347 3.84 -2.47 -16.23
N MET A 348 3.43 -3.73 -16.40
CA MET A 348 4.33 -4.84 -16.10
C MET A 348 5.54 -4.83 -17.02
N ILE A 349 5.33 -4.59 -18.31
CA ILE A 349 6.46 -4.56 -19.24
C ILE A 349 7.45 -3.45 -18.87
N ILE A 350 6.93 -2.26 -18.58
CA ILE A 350 7.81 -1.13 -18.28
C ILE A 350 8.55 -1.34 -16.96
N VAL A 351 7.86 -1.87 -15.94
CA VAL A 351 8.54 -2.08 -14.67
C VAL A 351 9.60 -3.18 -14.80
N GLY A 352 9.32 -4.20 -15.61
CA GLY A 352 10.32 -5.24 -15.83
C GLY A 352 11.55 -4.69 -16.53
N VAL A 353 11.34 -3.89 -17.58
CA VAL A 353 12.48 -3.34 -18.32
C VAL A 353 13.28 -2.39 -17.43
N SER A 354 12.61 -1.57 -16.62
CA SER A 354 13.33 -0.67 -15.74
C SER A 354 14.14 -1.42 -14.70
N ILE A 355 13.57 -2.47 -14.11
CA ILE A 355 14.31 -3.27 -13.13
C ILE A 355 15.50 -3.96 -13.79
N LEU A 356 15.34 -4.42 -15.02
CA LEU A 356 16.45 -5.02 -15.75
C LEU A 356 17.56 -4.02 -16.02
N CYS A 357 17.21 -2.77 -16.34
CA CYS A 357 18.22 -1.77 -16.65
C CYS A 357 18.84 -1.14 -15.41
N ILE A 358 18.24 -1.32 -14.24
CA ILE A 358 18.81 -0.71 -13.02
C ILE A 358 20.27 -1.13 -12.78
N PRO A 359 20.65 -2.41 -12.84
CA PRO A 359 22.05 -2.78 -12.56
C PRO A 359 23.06 -2.19 -13.54
N PHE A 360 22.63 -1.65 -14.69
CA PHE A 360 23.57 -1.07 -15.63
C PHE A 360 24.00 0.34 -15.26
N ALA A 361 23.31 0.98 -14.31
CA ALA A 361 23.64 2.35 -13.93
C ALA A 361 24.99 2.42 -13.23
N LYS A 362 25.71 3.52 -13.46
CA LYS A 362 27.03 3.72 -12.88
C LYS A 362 27.05 4.75 -11.77
N ASN A 363 26.09 5.68 -11.74
CA ASN A 363 25.99 6.66 -10.68
C ASN A 363 24.52 7.04 -10.52
N ILE A 364 24.27 8.02 -9.63
CA ILE A 364 22.89 8.37 -9.29
C ILE A 364 22.15 8.90 -10.51
N TYR A 365 22.85 9.68 -11.35
CA TYR A 365 22.24 10.21 -12.55
C TYR A 365 21.81 9.08 -13.50
N GLY A 366 22.52 7.95 -13.46
CA GLY A 366 22.07 6.80 -14.22
C GLY A 366 20.88 6.10 -13.58
N LEU A 367 20.70 6.26 -12.27
CA LEU A 367 19.58 5.65 -11.57
C LEU A 367 18.34 6.52 -11.53
N ILE A 368 18.42 7.78 -11.98
CA ILE A 368 17.25 8.66 -11.93
C ILE A 368 16.13 8.12 -12.81
N ALA A 369 16.43 7.79 -14.07
CA ALA A 369 15.41 7.40 -15.04
C ALA A 369 14.74 6.05 -14.72
N PRO A 370 15.51 4.99 -14.41
CA PRO A 370 14.84 3.70 -14.10
C PRO A 370 13.91 3.77 -12.90
N ASN A 371 14.25 4.55 -11.86
CA ASN A 371 13.37 4.67 -10.71
C ASN A 371 12.08 5.39 -11.07
N PHE A 372 12.18 6.43 -11.90
CA PHE A 372 10.98 7.09 -12.40
C PHE A 372 10.10 6.11 -13.17
N GLY A 373 10.71 5.29 -14.02
CA GLY A 373 9.95 4.29 -14.74
C GLY A 373 9.26 3.29 -13.83
N VAL A 374 9.98 2.83 -12.80
CA VAL A 374 9.42 1.86 -11.87
C VAL A 374 8.20 2.44 -11.16
N GLY A 375 8.35 3.65 -10.63
CA GLY A 375 7.23 4.28 -9.93
C GLY A 375 6.03 4.51 -10.85
N PHE A 376 6.30 4.98 -12.06
CA PHE A 376 5.22 5.22 -13.02
C PHE A 376 4.47 3.93 -13.34
N ALA A 377 5.21 2.86 -13.61
CA ALA A 377 4.59 1.60 -13.98
C ALA A 377 3.79 1.00 -12.83
N ILE A 378 4.30 1.09 -11.60
CA ILE A 378 3.57 0.53 -10.47
C ILE A 378 2.31 1.34 -10.19
N GLY A 379 2.38 2.67 -10.35
CA GLY A 379 1.17 3.47 -10.25
C GLY A 379 0.13 3.06 -11.29
N MET A 380 0.59 2.83 -12.53
CA MET A 380 -0.29 2.31 -13.57
C MET A 380 -0.98 1.03 -13.12
N VAL A 381 -0.19 0.07 -12.63
CA VAL A 381 -0.73 -1.24 -12.27
C VAL A 381 -1.78 -1.11 -11.17
N ASP A 382 -1.46 -0.35 -10.11
CA ASP A 382 -2.37 -0.26 -8.97
C ASP A 382 -3.67 0.46 -9.34
N SER A 383 -3.54 1.61 -10.00
CA SER A 383 -4.71 2.41 -10.37
C SER A 383 -5.53 1.76 -11.47
N SER A 384 -4.99 0.76 -12.16
CA SER A 384 -5.82 -0.01 -13.08
C SER A 384 -6.36 -1.30 -12.47
N MET A 385 -5.79 -1.79 -11.38
CA MET A 385 -6.18 -3.10 -10.87
C MET A 385 -7.11 -3.07 -9.66
N MET A 386 -7.23 -1.95 -8.94
CA MET A 386 -8.31 -1.90 -7.93
C MET A 386 -9.70 -1.86 -8.55
N PRO A 387 -10.03 -0.93 -9.44
CA PRO A 387 -11.38 -0.93 -10.03
C PRO A 387 -11.69 -2.18 -10.81
N ILE A 388 -10.68 -2.90 -11.32
CA ILE A 388 -10.93 -4.16 -11.99
C ILE A 388 -11.38 -5.22 -10.98
N MET A 389 -10.86 -5.19 -9.76
CA MET A 389 -11.35 -6.10 -8.74
C MET A 389 -12.81 -5.81 -8.41
N GLY A 390 -13.13 -4.53 -8.23
CA GLY A 390 -14.54 -4.17 -8.02
C GLY A 390 -15.42 -4.60 -9.17
N TYR A 391 -14.97 -4.40 -10.41
CA TYR A 391 -15.77 -4.78 -11.61
C TYR A 391 -16.02 -6.29 -11.67
N LEU A 392 -15.02 -7.10 -11.33
CA LEU A 392 -15.12 -8.58 -11.42
C LEU A 392 -16.20 -9.14 -10.47
N VAL A 393 -16.25 -8.67 -9.23
CA VAL A 393 -17.28 -9.13 -8.25
C VAL A 393 -18.68 -8.75 -8.76
N ASP A 394 -18.84 -7.57 -9.35
CA ASP A 394 -20.16 -7.11 -9.85
C ASP A 394 -20.53 -7.91 -11.11
N LEU A 395 -19.55 -8.22 -11.96
CA LEU A 395 -19.82 -8.91 -13.24
C LEU A 395 -20.33 -10.34 -13.06
N ARG A 396 -19.75 -11.11 -12.14
CA ARG A 396 -20.12 -12.54 -12.05
C ARG A 396 -20.47 -12.99 -10.63
N HIS A 397 -20.27 -12.16 -9.61
CA HIS A 397 -20.70 -12.58 -8.28
C HIS A 397 -21.68 -11.56 -7.72
N VAL A 398 -21.94 -11.63 -6.41
CA VAL A 398 -22.77 -10.67 -5.70
C VAL A 398 -21.96 -9.42 -5.43
N SER A 399 -22.64 -8.27 -5.43
CA SER A 399 -21.98 -6.96 -5.29
C SER A 399 -21.75 -6.65 -3.81
N VAL A 400 -20.77 -7.32 -3.24
CA VAL A 400 -20.28 -7.06 -1.89
C VAL A 400 -18.76 -7.03 -1.96
N TYR A 401 -18.15 -5.95 -1.47
CA TYR A 401 -16.76 -5.64 -1.80
C TYR A 401 -15.77 -5.91 -0.68
N GLY A 402 -16.24 -6.15 0.54
CA GLY A 402 -15.32 -6.33 1.64
C GLY A 402 -14.35 -7.48 1.45
N SER A 403 -14.85 -8.63 1.02
CA SER A 403 -14.00 -9.82 0.87
C SER A 403 -13.00 -9.66 -0.27
N VAL A 404 -13.44 -9.13 -1.42
CA VAL A 404 -12.52 -8.97 -2.54
C VAL A 404 -11.45 -7.93 -2.24
N TYR A 405 -11.80 -6.86 -1.52
CA TYR A 405 -10.76 -5.89 -1.18
C TYR A 405 -9.88 -6.39 -0.05
N ALA A 406 -10.38 -7.33 0.77
CA ALA A 406 -9.49 -8.06 1.66
C ALA A 406 -8.50 -8.91 0.88
N ILE A 407 -8.93 -9.53 -0.21
CA ILE A 407 -8.02 -10.29 -1.06
C ILE A 407 -6.95 -9.37 -1.65
N ALA A 408 -7.36 -8.20 -2.14
CA ALA A 408 -6.40 -7.24 -2.69
C ALA A 408 -5.40 -6.78 -1.63
N ASP A 409 -5.88 -6.50 -0.41
CA ASP A 409 -4.98 -6.10 0.66
C ASP A 409 -4.03 -7.22 1.03
N VAL A 410 -4.51 -8.47 0.99
CA VAL A 410 -3.64 -9.62 1.22
C VAL A 410 -2.56 -9.68 0.15
N ALA A 411 -2.93 -9.37 -1.10
CA ALA A 411 -1.95 -9.35 -2.19
C ALA A 411 -0.86 -8.31 -1.92
N PHE A 412 -1.24 -7.13 -1.44
CA PHE A 412 -0.24 -6.05 -1.15
C PHE A 412 0.66 -6.46 0.00
N CYS A 413 0.07 -6.91 1.11
CA CYS A 413 0.85 -7.26 2.33
C CYS A 413 1.83 -8.40 2.04
N MET A 414 1.46 -9.36 1.19
CA MET A 414 2.32 -10.54 0.95
C MET A 414 3.67 -10.09 0.39
N GLY A 415 3.68 -9.14 -0.54
CA GLY A 415 4.94 -8.59 -1.06
C GLY A 415 5.72 -7.86 0.02
N TYR A 416 5.03 -7.08 0.85
CA TYR A 416 5.72 -6.26 1.88
C TYR A 416 6.06 -7.09 3.10
N ALA A 417 5.46 -8.27 3.27
CA ALA A 417 5.89 -9.04 4.44
C ALA A 417 7.21 -9.76 4.22
N ILE A 418 7.25 -10.66 3.23
CA ILE A 418 8.44 -11.48 3.02
C ILE A 418 9.42 -10.85 2.04
N GLY A 419 9.14 -9.63 1.57
CA GLY A 419 9.99 -8.95 0.62
C GLY A 419 11.43 -8.77 1.05
N PRO A 420 11.66 -7.97 2.10
CA PRO A 420 13.05 -7.67 2.50
C PRO A 420 13.88 -8.89 2.86
N SER A 421 13.32 -9.84 3.60
CA SER A 421 14.12 -10.98 4.06
C SER A 421 14.50 -11.89 2.90
N ALA A 422 13.53 -12.24 2.05
CA ALA A 422 13.83 -13.05 0.88
C ALA A 422 14.80 -12.32 -0.06
N GLY A 423 14.63 -11.01 -0.21
CA GLY A 423 15.53 -10.24 -1.05
C GLY A 423 16.95 -10.27 -0.53
N GLY A 424 17.12 -10.11 0.79
CA GLY A 424 18.46 -10.19 1.36
C GLY A 424 19.07 -11.57 1.22
N ALA A 425 18.27 -12.61 1.44
CA ALA A 425 18.79 -13.97 1.29
C ALA A 425 19.25 -14.23 -0.14
N ILE A 426 18.44 -13.81 -1.13
CA ILE A 426 18.81 -14.04 -2.53
C ILE A 426 20.04 -13.21 -2.88
N ALA A 427 20.07 -11.94 -2.48
CA ALA A 427 21.21 -11.08 -2.78
C ALA A 427 22.48 -11.51 -2.05
N LYS A 428 22.37 -12.33 -1.00
CA LYS A 428 23.57 -12.91 -0.41
C LYS A 428 23.99 -14.18 -1.13
N ALA A 429 23.02 -15.02 -1.50
CA ALA A 429 23.34 -16.25 -2.23
C ALA A 429 23.94 -15.95 -3.59
N ILE A 430 23.25 -15.14 -4.39
CA ILE A 430 23.73 -14.70 -5.69
C ILE A 430 23.82 -13.18 -5.68
N GLY A 431 24.34 -12.63 -6.78
CA GLY A 431 24.53 -11.20 -6.85
C GLY A 431 23.23 -10.42 -6.88
N PHE A 432 23.35 -9.14 -6.51
CA PHE A 432 22.24 -8.20 -6.69
C PHE A 432 21.80 -8.08 -8.14
N PRO A 433 22.69 -7.97 -9.14
CA PRO A 433 22.22 -7.96 -10.52
C PRO A 433 21.41 -9.19 -10.90
N TRP A 434 21.77 -10.36 -10.38
CA TRP A 434 21.00 -11.56 -10.72
C TRP A 434 19.61 -11.52 -10.11
N LEU A 435 19.48 -11.01 -8.89
CA LEU A 435 18.16 -10.82 -8.30
C LEU A 435 17.31 -9.87 -9.13
N MET A 436 17.90 -8.75 -9.56
CA MET A 436 17.16 -7.80 -10.38
C MET A 436 16.76 -8.42 -11.72
N THR A 437 17.67 -9.20 -12.32
CA THR A 437 17.35 -9.87 -13.58
C THR A 437 16.21 -10.86 -13.41
N ILE A 438 16.22 -11.63 -12.32
CA ILE A 438 15.16 -12.60 -12.09
C ILE A 438 13.82 -11.90 -11.90
N ILE A 439 13.80 -10.81 -11.12
CA ILE A 439 12.56 -10.08 -10.90
C ILE A 439 12.03 -9.53 -12.22
N GLY A 440 12.92 -8.94 -13.03
CA GLY A 440 12.49 -8.40 -14.32
C GLY A 440 11.96 -9.47 -15.26
N ILE A 441 12.64 -10.62 -15.32
CA ILE A 441 12.21 -11.70 -16.18
C ILE A 441 10.85 -12.22 -15.74
N ILE A 442 10.64 -12.37 -14.43
CA ILE A 442 9.36 -12.85 -13.92
C ILE A 442 8.24 -11.88 -14.28
N ASP A 443 8.49 -10.57 -14.10
CA ASP A 443 7.47 -9.59 -14.45
C ASP A 443 7.15 -9.62 -15.94
N ILE A 444 8.17 -9.71 -16.78
CA ILE A 444 7.94 -9.71 -18.23
C ILE A 444 7.19 -10.98 -18.65
N LEU A 445 7.52 -12.12 -18.05
CA LEU A 445 6.82 -13.36 -18.41
C LEU A 445 5.39 -13.38 -17.90
N PHE A 446 5.12 -12.75 -16.75
CA PHE A 446 3.75 -12.66 -16.26
C PHE A 446 2.93 -11.64 -17.04
N ALA A 447 3.57 -10.65 -17.67
CA ALA A 447 2.85 -9.61 -18.38
C ALA A 447 1.79 -10.09 -19.37
N PRO A 448 2.03 -11.11 -20.22
CA PRO A 448 0.98 -11.52 -21.17
C PRO A 448 -0.27 -12.10 -20.51
N LEU A 449 -0.21 -12.49 -19.23
CA LEU A 449 -1.39 -13.05 -18.57
C LEU A 449 -2.50 -12.01 -18.44
N CYS A 450 -2.15 -10.72 -18.47
CA CYS A 450 -3.15 -9.67 -18.36
C CYS A 450 -4.04 -9.56 -19.60
N PHE A 451 -3.72 -10.29 -20.67
CA PHE A 451 -4.56 -10.26 -21.87
C PHE A 451 -5.94 -10.84 -21.59
N PHE A 452 -6.04 -11.78 -20.65
CA PHE A 452 -7.31 -12.42 -20.35
C PHE A 452 -8.28 -11.53 -19.60
N LEU A 453 -7.84 -10.37 -19.12
CA LEU A 453 -8.68 -9.49 -18.33
C LEU A 453 -9.55 -8.57 -19.17
N ARG A 454 -9.41 -8.60 -20.50
CA ARG A 454 -10.16 -7.70 -21.36
C ARG A 454 -11.62 -8.13 -21.47
N SER A 455 -12.51 -7.15 -21.61
CA SER A 455 -13.94 -7.41 -21.57
C SER A 455 -14.39 -8.13 -22.84
N PRO A 456 -15.38 -9.02 -22.74
CA PRO A 456 -15.82 -9.81 -23.91
C PRO A 456 -16.28 -8.94 -25.06
N PRO A 457 -16.99 -7.82 -24.81
CA PRO A 457 -17.26 -7.05 -26.03
C PRO A 457 -16.16 -6.05 -26.35
#